data_7QCZ
#
_entry.id   7QCZ
#
_cell.length_a   82.010
_cell.length_b   67.500
_cell.length_c   61.940
_cell.angle_alpha   90.000
_cell.angle_beta   117.821
_cell.angle_gamma   90.000
#
_symmetry.space_group_name_H-M   'C 1 2 1'
#
loop_
_entity.id
_entity.type
_entity.pdbx_description
1 polymer 'Orange carotenoid-binding protein'
2 non-polymer "beta,beta-carotene-4,4'-dione"
3 water water
#
_entity_poly.entity_id   1
_entity_poly.type   'polypeptide(L)'
_entity_poly.pdbx_seq_one_letter_code
;MSFTVDSARGIFPNTLTADVVPATIARFNQLNAEDQLALIWFAYLEMGKTITVAALGAANMQFAEITMNQIRQMSFQEQT
QVMCDLANRTDTPISRAYGSWTANIKLGFWYQLGEWMAQGIVAPIPSGYKLSANAASVLQAIQGLESGQQITVLRNCVVD
MGFDTSKLDSSQRVSEPVVVPRDMAQRTQVTIEGIDNPTVLNYMNNMNANDFEVLIELFTPDGALQPPFQKPIVGKDAVL
RFFREECQNLKLIPERGVTEPADGGYTQIKVTGKVQTPWFGAGVGMNMAWRFLLSPENKIFFVAIDLLASPKELLNLVR
;
_entity_poly.pdbx_strand_id   A
#
loop_
_chem_comp.id
_chem_comp.type
_chem_comp.name
_chem_comp.formula
45D non-polymer beta,beta-carotene-4,4'-dione 'C40 H52 O2'
#
# COMPACT_ATOMS: atom_id res chain seq x y z
N SER A 2 -4.18 -16.48 -26.25
N SER A 2 -4.52 -16.27 -26.38
CA SER A 2 -5.10 -16.89 -25.19
CA SER A 2 -5.15 -16.87 -25.21
C SER A 2 -4.94 -16.00 -23.96
C SER A 2 -4.96 -16.01 -23.97
N PHE A 3 -4.95 -14.69 -24.18
CA PHE A 3 -4.75 -13.69 -23.13
C PHE A 3 -3.37 -13.77 -22.48
N THR A 4 -2.70 -12.63 -22.43
CA THR A 4 -1.47 -12.46 -21.69
C THR A 4 -1.76 -11.56 -20.49
N VAL A 5 -0.76 -11.44 -19.62
CA VAL A 5 -0.85 -10.45 -18.55
C VAL A 5 -0.97 -9.06 -19.15
N ASP A 6 -0.16 -8.79 -20.17
CA ASP A 6 -0.20 -7.50 -20.85
C ASP A 6 -1.61 -7.19 -21.35
N SER A 7 -2.25 -8.15 -22.01
N SER A 7 -2.26 -8.15 -22.01
CA SER A 7 -3.60 -7.94 -22.54
CA SER A 7 -3.60 -7.90 -22.53
C SER A 7 -4.62 -7.85 -21.41
C SER A 7 -4.64 -7.86 -21.41
N ALA A 8 -4.48 -8.71 -20.40
CA ALA A 8 -5.46 -8.75 -19.32
C ALA A 8 -5.55 -7.45 -18.55
N ARG A 9 -4.45 -6.69 -18.45
CA ARG A 9 -4.48 -5.54 -17.55
C ARG A 9 -5.31 -4.39 -18.10
N GLY A 10 -5.81 -4.47 -19.32
CA GLY A 10 -6.70 -3.48 -19.85
C GLY A 10 -8.19 -3.77 -19.74
N ILE A 11 -8.58 -4.85 -19.06
CA ILE A 11 -10.01 -5.15 -18.93
C ILE A 11 -10.70 -4.05 -18.11
N PHE A 12 -11.99 -3.88 -18.36
CA PHE A 12 -12.79 -2.80 -17.79
C PHE A 12 -12.06 -1.45 -17.84
N PRO A 13 -11.74 -0.96 -19.04
CA PRO A 13 -10.86 0.21 -19.15
C PRO A 13 -11.47 1.49 -18.64
N ASN A 14 -12.79 1.58 -18.51
N ASN A 14 -12.81 1.54 -18.52
CA ASN A 14 -13.36 2.84 -18.06
CA ASN A 14 -13.61 2.66 -18.06
C ASN A 14 -13.46 2.91 -16.54
C ASN A 14 -13.47 2.90 -16.56
N THR A 15 -12.74 2.04 -15.85
CA THR A 15 -12.58 2.14 -14.40
C THR A 15 -11.64 3.32 -14.10
N LEU A 16 -12.19 4.40 -13.57
CA LEU A 16 -11.43 5.64 -13.40
C LEU A 16 -10.64 5.59 -12.11
N THR A 17 -9.31 5.57 -12.23
CA THR A 17 -8.44 5.45 -11.08
C THR A 17 -8.00 6.82 -10.58
N ALA A 18 -7.47 6.83 -9.36
CA ALA A 18 -6.96 8.06 -8.74
C ALA A 18 -5.52 8.30 -9.15
N ASP A 19 -5.31 8.47 -10.46
CA ASP A 19 -3.95 8.68 -10.95
C ASP A 19 -3.33 10.02 -10.48
N VAL A 20 -4.08 10.86 -9.76
CA VAL A 20 -3.44 11.98 -9.05
C VAL A 20 -2.41 11.46 -8.06
N VAL A 21 -2.60 10.25 -7.54
CA VAL A 21 -1.69 9.65 -6.56
C VAL A 21 -0.29 9.45 -7.17
N PRO A 22 -0.13 8.67 -8.25
CA PRO A 22 1.21 8.59 -8.85
C PRO A 22 1.72 9.91 -9.40
N ALA A 23 0.83 10.81 -9.82
CA ALA A 23 1.28 12.12 -10.29
C ALA A 23 1.93 12.90 -9.15
N THR A 24 1.31 12.89 -7.97
CA THR A 24 1.84 13.65 -6.84
C THR A 24 3.10 13.01 -6.29
N ILE A 25 3.18 11.68 -6.33
CA ILE A 25 4.41 10.99 -5.97
C ILE A 25 5.54 11.40 -6.88
N ALA A 26 5.26 11.54 -8.19
CA ALA A 26 6.28 11.95 -9.13
C ALA A 26 6.78 13.36 -8.82
N ARG A 27 5.85 14.27 -8.51
CA ARG A 27 6.22 15.62 -8.13
C ARG A 27 7.09 15.60 -6.86
N PHE A 28 6.66 14.83 -5.87
CA PHE A 28 7.42 14.67 -4.64
C PHE A 28 8.84 14.20 -4.91
N ASN A 29 9.00 13.23 -5.81
N ASN A 29 8.97 13.23 -5.82
CA ASN A 29 10.31 12.65 -6.10
CA ASN A 29 10.27 12.65 -6.15
C ASN A 29 11.25 13.61 -6.80
C ASN A 29 11.26 13.68 -6.66
N GLN A 30 10.80 14.82 -7.18
CA GLN A 30 11.71 15.82 -7.70
C GLN A 30 12.28 16.72 -6.61
N LEU A 31 11.67 16.74 -5.43
CA LEU A 31 12.05 17.71 -4.40
C LEU A 31 13.39 17.34 -3.77
N ASN A 32 14.04 18.34 -3.18
CA ASN A 32 15.24 18.05 -2.40
C ASN A 32 14.87 17.38 -1.08
N ALA A 33 15.85 16.72 -0.48
CA ALA A 33 15.58 15.87 0.67
C ALA A 33 15.02 16.67 1.85
N GLU A 34 15.53 17.88 2.07
CA GLU A 34 15.01 18.69 3.18
C GLU A 34 13.55 19.05 2.94
N ASP A 35 13.20 19.36 1.69
CA ASP A 35 11.81 19.58 1.32
C ASP A 35 10.95 18.34 1.54
N GLN A 36 11.47 17.17 1.18
CA GLN A 36 10.71 15.94 1.32
C GLN A 36 10.41 15.63 2.79
N LEU A 37 11.41 15.77 3.66
CA LEU A 37 11.20 15.48 5.07
C LEU A 37 10.19 16.45 5.69
N ALA A 38 10.34 17.74 5.41
CA ALA A 38 9.44 18.72 6.01
C ALA A 38 8.02 18.58 5.45
N LEU A 39 7.90 18.32 4.16
CA LEU A 39 6.58 18.19 3.56
C LEU A 39 5.81 17.02 4.18
N ILE A 40 6.47 15.88 4.34
CA ILE A 40 5.80 14.73 4.97
C ILE A 40 5.44 15.07 6.41
N TRP A 41 6.37 15.68 7.16
CA TRP A 41 6.10 16.07 8.54
C TRP A 41 4.84 16.91 8.65
N PHE A 42 4.74 17.97 7.84
CA PHE A 42 3.53 18.78 7.83
C PHE A 42 2.31 17.96 7.46
N ALA A 43 2.39 17.22 6.35
CA ALA A 43 1.29 16.33 5.98
C ALA A 43 1.01 15.32 7.08
N TYR A 44 2.05 14.93 7.84
N TYR A 44 2.05 14.94 7.83
CA TYR A 44 1.85 14.01 8.94
CA TYR A 44 1.88 14.01 8.95
C TYR A 44 1.19 14.69 10.13
C TYR A 44 1.21 14.68 10.13
N LEU A 45 1.47 15.99 10.33
CA LEU A 45 0.92 16.67 11.50
C LEU A 45 -0.59 16.70 11.48
N GLU A 46 -1.21 16.77 10.30
CA GLU A 46 -2.67 16.70 10.18
C GLU A 46 -3.16 15.34 9.69
N MET A 47 -2.54 14.25 10.16
CA MET A 47 -3.14 12.91 10.11
C MET A 47 -2.29 11.88 10.85
N GLY A 48 -1.26 12.34 11.57
CA GLY A 48 -0.35 11.39 12.22
C GLY A 48 -0.97 10.65 13.38
N LYS A 49 -1.84 11.30 14.14
CA LYS A 49 -2.53 10.64 15.25
C LYS A 49 -3.54 9.60 14.78
N THR A 50 -3.72 9.43 13.46
N THR A 50 -3.71 9.45 13.46
CA THR A 50 -4.65 8.44 12.95
CA THR A 50 -4.63 8.47 12.91
C THR A 50 -3.99 7.10 12.67
C THR A 50 -3.99 7.10 12.71
N ILE A 51 -2.66 7.04 12.60
CA ILE A 51 -1.98 5.76 12.42
C ILE A 51 -2.18 4.91 13.66
N THR A 52 -2.28 3.61 13.47
N THR A 52 -2.35 3.60 13.46
CA THR A 52 -2.38 2.74 14.62
CA THR A 52 -2.49 2.63 14.54
C THR A 52 -1.32 1.65 14.52
C THR A 52 -1.33 1.65 14.51
N VAL A 53 -1.20 0.88 15.60
CA VAL A 53 -0.14 -0.11 15.73
C VAL A 53 -0.58 -1.49 15.26
N ALA A 54 -1.76 -1.58 14.66
CA ALA A 54 -2.31 -2.90 14.33
C ALA A 54 -1.46 -3.62 13.30
N ALA A 55 -0.69 -2.87 12.51
CA ALA A 55 0.16 -3.47 11.48
C ALA A 55 1.51 -3.93 12.04
N LEU A 56 1.90 -3.43 13.20
CA LEU A 56 3.09 -3.90 13.90
C LEU A 56 2.77 -5.20 14.61
N GLY A 57 3.67 -5.63 15.49
CA GLY A 57 3.48 -6.89 16.21
C GLY A 57 3.39 -8.09 15.28
N ALA A 58 3.60 -7.84 13.98
CA ALA A 58 3.39 -8.80 12.92
C ALA A 58 4.53 -8.68 11.92
N ALA A 59 4.93 -7.45 11.61
CA ALA A 59 6.26 -7.19 11.09
C ALA A 59 7.22 -7.17 12.28
N ASN A 60 8.30 -7.95 12.15
N ASN A 60 8.25 -7.99 12.26
CA ASN A 60 9.32 -8.19 13.18
CA ASN A 60 9.06 -8.09 13.46
C ASN A 60 10.35 -7.08 13.16
C ASN A 60 10.32 -7.23 13.31
N MET A 61 10.44 -6.30 14.25
CA MET A 61 11.22 -5.07 14.19
C MET A 61 12.46 -5.03 15.07
N GLN A 62 12.78 -6.11 15.78
N GLN A 62 12.78 -6.11 15.78
CA GLN A 62 13.92 -6.09 16.70
CA GLN A 62 13.92 -6.08 16.71
C GLN A 62 15.16 -5.51 16.05
C GLN A 62 15.18 -5.51 16.06
N PHE A 63 15.54 -6.03 14.88
CA PHE A 63 16.79 -5.62 14.28
C PHE A 63 16.70 -4.20 13.73
N ALA A 64 15.56 -3.85 13.12
CA ALA A 64 15.37 -2.46 12.71
C ALA A 64 15.38 -1.52 13.91
N GLU A 65 14.80 -1.94 15.04
CA GLU A 65 14.74 -1.05 16.19
C GLU A 65 16.14 -0.78 16.77
N ILE A 66 17.08 -1.70 16.59
CA ILE A 66 18.46 -1.42 16.99
C ILE A 66 18.98 -0.19 16.25
N THR A 67 18.76 -0.14 14.94
CA THR A 67 19.16 1.01 14.14
C THR A 67 18.42 2.27 14.58
N MET A 68 17.10 2.13 14.87
N MET A 68 17.13 2.12 14.87
CA MET A 68 16.35 3.28 15.37
CA MET A 68 16.32 3.22 15.37
C MET A 68 16.95 3.83 16.66
C MET A 68 16.90 3.80 16.66
N ASN A 69 17.37 2.95 17.56
CA ASN A 69 17.98 3.44 18.80
C ASN A 69 19.36 4.04 18.53
N GLN A 70 20.08 3.53 17.53
CA GLN A 70 21.36 4.15 17.19
C GLN A 70 21.13 5.58 16.70
N ILE A 71 20.08 5.78 15.90
CA ILE A 71 19.70 7.12 15.48
C ILE A 71 19.29 7.96 16.68
N ARG A 72 18.59 7.35 17.64
CA ARG A 72 18.13 8.12 18.80
C ARG A 72 19.30 8.66 19.61
N GLN A 73 20.46 8.00 19.54
CA GLN A 73 21.64 8.41 20.28
C GLN A 73 22.44 9.48 19.56
N MET A 74 22.14 9.74 18.29
CA MET A 74 22.92 10.69 17.51
C MET A 74 22.57 12.12 17.88
N SER A 75 23.49 13.04 17.55
CA SER A 75 23.17 14.45 17.64
C SER A 75 22.12 14.80 16.61
N PHE A 76 21.46 15.95 16.80
CA PHE A 76 20.42 16.34 15.85
C PHE A 76 20.99 16.53 14.46
N GLN A 77 22.23 17.02 14.35
N GLN A 77 22.23 17.02 14.35
CA GLN A 77 22.88 17.14 13.06
CA GLN A 77 22.85 17.14 13.04
C GLN A 77 23.09 15.78 12.43
C GLN A 77 23.13 15.77 12.41
N GLU A 78 23.45 14.77 13.23
CA GLU A 78 23.66 13.43 12.70
C GLU A 78 22.33 12.80 12.29
N GLN A 79 21.30 12.97 13.12
CA GLN A 79 19.99 12.42 12.80
C GLN A 79 19.43 13.04 11.53
N THR A 80 19.59 14.37 11.40
CA THR A 80 19.14 15.05 10.19
C THR A 80 19.81 14.48 8.95
N GLN A 81 21.11 14.22 9.03
CA GLN A 81 21.84 13.71 7.87
C GLN A 81 21.37 12.31 7.48
N VAL A 82 21.12 11.45 8.47
CA VAL A 82 20.63 10.10 8.17
C VAL A 82 19.28 10.17 7.47
N MET A 83 18.38 11.01 7.96
CA MET A 83 17.08 11.14 7.31
C MET A 83 17.20 11.72 5.91
N CYS A 84 18.12 12.67 5.69
CA CYS A 84 18.38 13.13 4.33
C CYS A 84 18.97 12.00 3.47
N ASP A 85 19.86 11.18 4.04
CA ASP A 85 20.42 10.07 3.29
C ASP A 85 19.31 9.13 2.82
N LEU A 86 18.35 8.83 3.71
CA LEU A 86 17.22 8.00 3.33
C LEU A 86 16.42 8.64 2.21
N ALA A 87 16.05 9.92 2.38
CA ALA A 87 15.25 10.59 1.36
C ALA A 87 15.98 10.67 0.02
N ASN A 88 17.29 10.96 0.05
CA ASN A 88 18.08 11.01 -1.17
C ASN A 88 18.43 9.64 -1.71
N ARG A 89 18.08 8.55 -1.02
CA ARG A 89 18.46 7.19 -1.45
C ARG A 89 19.97 7.08 -1.55
N THR A 90 20.68 7.70 -0.61
CA THR A 90 22.13 7.71 -0.61
C THR A 90 22.68 6.33 -0.27
N ASP A 91 23.86 6.02 -0.79
CA ASP A 91 24.46 4.71 -0.54
C ASP A 91 25.24 4.83 0.77
N THR A 92 24.56 4.56 1.88
CA THR A 92 25.17 4.47 3.21
C THR A 92 24.77 3.15 3.83
N PRO A 93 25.52 2.69 4.83
CA PRO A 93 25.11 1.45 5.53
C PRO A 93 23.69 1.50 6.06
N ILE A 94 23.29 2.57 6.74
CA ILE A 94 21.93 2.65 7.28
C ILE A 94 20.90 2.67 6.17
N SER A 95 21.20 3.41 5.09
CA SER A 95 20.26 3.53 3.99
C SER A 95 20.15 2.25 3.18
N ARG A 96 21.25 1.48 3.11
CA ARG A 96 21.18 0.15 2.50
C ARG A 96 20.33 -0.79 3.34
N ALA A 97 20.49 -0.73 4.66
CA ALA A 97 19.68 -1.56 5.54
C ALA A 97 18.20 -1.23 5.37
N TYR A 98 17.87 0.06 5.42
CA TYR A 98 16.49 0.50 5.20
C TYR A 98 15.96 -0.02 3.86
N GLY A 99 16.75 0.13 2.80
CA GLY A 99 16.32 -0.29 1.48
C GLY A 99 16.11 -1.79 1.36
N SER A 100 16.66 -2.56 2.28
CA SER A 100 16.46 -4.00 2.28
C SER A 100 15.19 -4.41 3.01
N TRP A 101 14.60 -3.52 3.78
CA TRP A 101 13.46 -3.87 4.63
C TRP A 101 12.19 -4.03 3.80
N THR A 102 11.24 -4.77 4.36
CA THR A 102 9.91 -4.81 3.76
C THR A 102 9.16 -3.51 4.03
N ALA A 103 8.03 -3.34 3.33
CA ALA A 103 7.29 -2.09 3.42
C ALA A 103 6.78 -1.82 4.85
N ASN A 104 6.27 -2.84 5.53
CA ASN A 104 5.74 -2.60 6.87
C ASN A 104 6.83 -2.23 7.87
N ILE A 105 8.05 -2.72 7.68
CA ILE A 105 9.14 -2.36 8.58
C ILE A 105 9.57 -0.92 8.33
N LYS A 106 9.66 -0.52 7.05
CA LYS A 106 9.96 0.88 6.74
C LYS A 106 8.93 1.81 7.35
N LEU A 107 7.65 1.43 7.26
CA LEU A 107 6.59 2.26 7.81
C LEU A 107 6.66 2.32 9.33
N GLY A 108 6.94 1.18 9.97
CA GLY A 108 7.09 1.19 11.42
C GLY A 108 8.29 1.99 11.88
N PHE A 109 9.38 1.94 11.10
CA PHE A 109 10.58 2.73 11.38
C PHE A 109 10.25 4.22 11.43
N TRP A 110 9.58 4.73 10.39
CA TRP A 110 9.24 6.15 10.36
C TRP A 110 8.15 6.48 11.37
N TYR A 111 7.23 5.54 11.61
CA TYR A 111 6.17 5.80 12.58
C TYR A 111 6.76 6.05 13.96
N GLN A 112 7.72 5.22 14.36
CA GLN A 112 8.35 5.39 15.67
C GLN A 112 9.19 6.66 15.73
N LEU A 113 10.01 6.89 14.70
CA LEU A 113 10.79 8.13 14.64
C LEU A 113 9.89 9.35 14.67
N GLY A 114 8.72 9.25 14.03
CA GLY A 114 7.79 10.38 14.05
C GLY A 114 7.27 10.69 15.43
N GLU A 115 6.94 9.66 16.21
CA GLU A 115 6.50 9.91 17.58
C GLU A 115 7.63 10.44 18.43
N TRP A 116 8.83 9.86 18.28
CA TRP A 116 10.00 10.37 18.97
C TRP A 116 10.26 11.84 18.63
N MET A 117 10.04 12.24 17.37
CA MET A 117 10.20 13.65 17.04
C MET A 117 9.16 14.51 17.74
N ALA A 118 7.92 14.03 17.82
CA ALA A 118 6.87 14.81 18.47
C ALA A 118 7.17 15.04 19.94
N GLN A 119 7.93 14.14 20.57
CA GLN A 119 8.28 14.24 21.97
C GLN A 119 9.69 14.77 22.20
N GLY A 120 10.34 15.30 21.16
CA GLY A 120 11.69 15.80 21.29
C GLY A 120 12.77 14.75 21.46
N ILE A 121 12.42 13.46 21.38
CA ILE A 121 13.41 12.41 21.56
C ILE A 121 14.35 12.34 20.37
N VAL A 122 13.88 12.64 19.17
CA VAL A 122 14.73 12.77 18.00
C VAL A 122 14.39 14.07 17.28
N ALA A 123 15.29 14.47 16.37
CA ALA A 123 15.35 15.83 15.85
C ALA A 123 14.05 16.24 15.14
N PRO A 124 13.35 17.26 15.63
CA PRO A 124 12.20 17.78 14.87
C PRO A 124 12.62 18.51 13.61
N ILE A 125 11.64 18.95 12.83
CA ILE A 125 11.93 19.68 11.59
C ILE A 125 12.33 21.09 12.00
N PRO A 126 13.35 21.67 11.38
CA PRO A 126 13.84 23.01 11.79
C PRO A 126 12.71 24.03 11.84
N SER A 127 12.65 24.76 12.96
CA SER A 127 11.51 25.63 13.25
C SER A 127 11.30 26.66 12.14
N GLY A 128 12.37 27.32 11.72
CA GLY A 128 12.26 28.33 10.69
C GLY A 128 12.71 27.84 9.34
N TYR A 129 12.29 26.65 8.93
CA TYR A 129 12.63 26.11 7.62
C TYR A 129 11.47 26.34 6.67
N LYS A 130 11.80 26.75 5.45
CA LYS A 130 10.81 27.12 4.45
C LYS A 130 10.68 25.99 3.44
N LEU A 131 9.46 25.50 3.24
CA LEU A 131 9.17 24.70 2.06
C LEU A 131 9.42 25.56 0.83
N SER A 132 10.23 25.04 -0.09
CA SER A 132 10.39 25.71 -1.37
C SER A 132 9.05 25.85 -2.07
N ALA A 133 9.02 26.72 -3.08
CA ALA A 133 7.79 26.95 -3.84
C ALA A 133 7.25 25.65 -4.43
N ASN A 134 8.13 24.84 -5.04
CA ASN A 134 7.67 23.56 -5.58
C ASN A 134 7.12 22.66 -4.49
N ALA A 135 7.83 22.57 -3.36
CA ALA A 135 7.38 21.70 -2.27
C ALA A 135 6.08 22.19 -1.66
N ALA A 136 5.91 23.50 -1.55
CA ALA A 136 4.65 24.03 -0.99
C ALA A 136 3.47 23.63 -1.87
N SER A 137 3.66 23.59 -3.18
CA SER A 137 2.57 23.20 -4.07
C SER A 137 2.28 21.71 -3.97
N VAL A 138 3.33 20.90 -3.84
CA VAL A 138 3.10 19.46 -3.67
C VAL A 138 2.32 19.21 -2.39
N LEU A 139 2.74 19.86 -1.30
CA LEU A 139 2.05 19.68 -0.02
C LEU A 139 0.58 20.07 -0.15
N GLN A 140 0.32 21.24 -0.75
CA GLN A 140 -1.06 21.68 -0.96
C GLN A 140 -1.87 20.63 -1.73
N ALA A 141 -1.27 20.03 -2.76
CA ALA A 141 -1.98 18.99 -3.51
C ALA A 141 -2.32 17.81 -2.61
N ILE A 142 -1.37 17.39 -1.77
CA ILE A 142 -1.60 16.27 -0.85
C ILE A 142 -2.75 16.60 0.10
N GLN A 143 -2.71 17.80 0.70
N GLN A 143 -2.72 17.80 0.70
CA GLN A 143 -3.74 18.23 1.63
CA GLN A 143 -3.77 18.16 1.66
C GLN A 143 -5.13 18.23 1.02
C GLN A 143 -5.15 18.21 1.02
N GLY A 144 -5.23 18.34 -0.31
CA GLY A 144 -6.50 18.37 -0.98
C GLY A 144 -7.08 17.03 -1.37
N LEU A 145 -6.37 15.94 -1.10
CA LEU A 145 -6.82 14.61 -1.47
C LEU A 145 -7.66 14.00 -0.35
N GLU A 146 -8.59 13.13 -0.73
CA GLU A 146 -9.30 12.36 0.28
C GLU A 146 -8.32 11.43 1.00
N SER A 147 -8.71 11.02 2.22
N SER A 147 -8.71 11.03 2.22
CA SER A 147 -7.77 10.36 3.12
CA SER A 147 -7.77 10.36 3.12
C SER A 147 -7.17 9.10 2.50
C SER A 147 -7.17 9.11 2.49
N GLY A 148 -7.98 8.32 1.78
CA GLY A 148 -7.46 7.10 1.16
C GLY A 148 -6.35 7.37 0.16
N GLN A 149 -6.49 8.43 -0.63
CA GLN A 149 -5.43 8.83 -1.55
C GLN A 149 -4.25 9.47 -0.84
N GLN A 150 -4.51 10.21 0.24
CA GLN A 150 -3.44 10.83 1.01
C GLN A 150 -2.49 9.79 1.60
N ILE A 151 -3.06 8.76 2.26
CA ILE A 151 -2.21 7.76 2.90
C ILE A 151 -1.47 6.93 1.88
N THR A 152 -2.06 6.73 0.69
CA THR A 152 -1.37 6.01 -0.37
C THR A 152 -0.14 6.78 -0.85
N VAL A 153 -0.28 8.09 -1.04
CA VAL A 153 0.87 8.92 -1.40
C VAL A 153 1.97 8.78 -0.35
N LEU A 154 1.59 8.92 0.93
CA LEU A 154 2.58 8.93 2.00
C LEU A 154 3.29 7.59 2.10
N ARG A 155 2.55 6.49 2.00
CA ARG A 155 3.16 5.16 2.06
C ARG A 155 4.15 4.96 0.94
N ASN A 156 3.75 5.28 -0.30
CA ASN A 156 4.63 5.04 -1.43
C ASN A 156 5.87 5.90 -1.34
N CYS A 157 5.73 7.12 -0.80
CA CYS A 157 6.88 8.00 -0.65
C CYS A 157 7.86 7.43 0.36
N VAL A 158 7.35 6.90 1.47
CA VAL A 158 8.19 6.30 2.49
C VAL A 158 8.87 5.04 1.96
N VAL A 159 8.10 4.16 1.33
CA VAL A 159 8.61 2.86 0.91
C VAL A 159 9.76 2.99 -0.09
N ASP A 160 9.74 4.02 -0.93
N ASP A 160 9.73 4.04 -0.92
CA ASP A 160 10.80 4.16 -1.92
CA ASP A 160 10.75 4.24 -1.94
C ASP A 160 11.98 5.00 -1.45
C ASP A 160 12.03 4.87 -1.41
N MET A 161 12.09 5.27 -0.15
CA MET A 161 13.32 5.84 0.36
C MET A 161 14.38 4.76 0.55
N GLY A 162 15.60 5.19 0.83
CA GLY A 162 16.70 4.28 1.05
C GLY A 162 17.36 3.84 -0.24
N PHE A 163 18.50 3.16 -0.08
CA PHE A 163 19.28 2.68 -1.22
C PHE A 163 18.81 1.29 -1.61
N ASP A 164 18.27 1.17 -2.82
CA ASP A 164 17.77 -0.09 -3.31
C ASP A 164 18.91 -0.99 -3.74
N THR A 165 18.93 -2.22 -3.21
CA THR A 165 19.89 -3.22 -3.64
C THR A 165 19.29 -4.13 -4.72
N SER A 175 14.46 -10.55 8.48
CA SER A 175 13.43 -10.88 9.46
C SER A 175 12.07 -11.06 8.80
N GLU A 176 11.54 -12.28 8.85
N GLU A 176 11.56 -12.28 8.85
CA GLU A 176 10.28 -12.59 8.19
CA GLU A 176 10.28 -12.65 8.22
C GLU A 176 9.11 -12.31 9.12
C GLU A 176 9.12 -12.28 9.14
N PRO A 177 8.04 -11.71 8.60
CA PRO A 177 6.87 -11.43 9.42
C PRO A 177 6.14 -12.70 9.82
N VAL A 178 5.50 -12.65 10.98
CA VAL A 178 4.68 -13.76 11.44
C VAL A 178 3.30 -13.63 10.81
N VAL A 179 2.90 -14.63 10.03
CA VAL A 179 1.65 -14.63 9.29
C VAL A 179 0.69 -15.57 9.98
N VAL A 180 -0.48 -15.06 10.34
CA VAL A 180 -1.40 -15.77 11.24
C VAL A 180 -2.77 -15.89 10.60
N PRO A 181 -3.17 -17.07 10.14
CA PRO A 181 -4.52 -17.23 9.60
C PRO A 181 -5.56 -17.19 10.70
N ARG A 182 -6.68 -16.53 10.41
CA ARG A 182 -7.74 -16.40 11.40
C ARG A 182 -8.33 -17.74 11.78
N ASP A 183 -8.70 -17.89 13.05
CA ASP A 183 -9.43 -19.07 13.46
C ASP A 183 -10.75 -19.17 12.71
N MET A 184 -11.07 -20.38 12.26
CA MET A 184 -12.27 -20.62 11.45
C MET A 184 -13.54 -20.08 12.10
N ALA A 185 -13.63 -20.14 13.44
CA ALA A 185 -14.86 -19.71 14.11
C ALA A 185 -15.13 -18.22 13.96
N GLN A 186 -14.12 -17.42 13.61
CA GLN A 186 -14.26 -15.99 13.47
C GLN A 186 -14.29 -15.52 12.03
N ARG A 187 -14.09 -16.42 11.07
CA ARG A 187 -14.04 -16.01 9.68
C ARG A 187 -15.41 -15.55 9.22
N THR A 188 -15.42 -14.48 8.41
CA THR A 188 -16.61 -13.90 7.83
C THR A 188 -16.69 -14.25 6.35
N GLN A 189 -17.90 -14.15 5.80
CA GLN A 189 -18.12 -14.35 4.38
C GLN A 189 -18.64 -13.04 3.79
N VAL A 190 -18.00 -12.55 2.74
CA VAL A 190 -18.50 -11.36 2.09
C VAL A 190 -19.79 -11.68 1.33
N THR A 191 -20.56 -10.64 1.07
CA THR A 191 -21.67 -10.70 0.13
C THR A 191 -21.45 -9.59 -0.89
N ILE A 192 -21.60 -9.94 -2.17
CA ILE A 192 -21.34 -9.03 -3.28
C ILE A 192 -22.59 -9.00 -4.14
N GLU A 193 -23.29 -7.86 -4.14
CA GLU A 193 -24.46 -7.70 -4.99
C GLU A 193 -24.11 -8.01 -6.44
N GLY A 194 -24.69 -9.08 -6.98
CA GLY A 194 -24.53 -9.46 -8.37
C GLY A 194 -23.42 -10.45 -8.68
N ILE A 195 -22.70 -10.95 -7.67
CA ILE A 195 -21.59 -11.89 -7.87
C ILE A 195 -21.75 -13.04 -6.89
N ASP A 196 -21.80 -14.27 -7.40
CA ASP A 196 -21.70 -15.43 -6.53
C ASP A 196 -20.58 -16.39 -6.95
N ASN A 197 -19.76 -16.01 -7.93
CA ASN A 197 -18.66 -16.88 -8.34
C ASN A 197 -17.77 -17.21 -7.14
N PRO A 198 -17.67 -18.47 -6.72
CA PRO A 198 -16.90 -18.79 -5.51
C PRO A 198 -15.43 -18.40 -5.59
N THR A 199 -14.85 -18.35 -6.79
CA THR A 199 -13.45 -17.94 -6.89
C THR A 199 -13.29 -16.49 -6.43
N VAL A 200 -14.25 -15.64 -6.75
CA VAL A 200 -14.20 -14.24 -6.32
C VAL A 200 -14.54 -14.12 -4.84
N LEU A 201 -15.61 -14.79 -4.40
CA LEU A 201 -15.98 -14.73 -2.99
C LEU A 201 -14.85 -15.25 -2.11
N ASN A 202 -14.21 -16.33 -2.52
CA ASN A 202 -13.20 -16.94 -1.67
C ASN A 202 -11.87 -16.21 -1.74
N TYR A 203 -11.59 -15.52 -2.86
CA TYR A 203 -10.49 -14.57 -2.90
C TYR A 203 -10.64 -13.55 -1.78
N MET A 204 -11.82 -12.95 -1.68
CA MET A 204 -12.08 -11.95 -0.64
C MET A 204 -12.03 -12.57 0.75
N ASN A 205 -12.64 -13.76 0.93
CA ASN A 205 -12.72 -14.32 2.27
C ASN A 205 -11.36 -14.78 2.78
N ASN A 206 -10.53 -15.35 1.90
CA ASN A 206 -9.22 -15.81 2.36
C ASN A 206 -8.26 -14.64 2.59
N MET A 207 -8.34 -13.60 1.76
CA MET A 207 -7.70 -12.33 2.08
C MET A 207 -8.05 -11.91 3.50
N ASN A 208 -9.35 -11.83 3.81
CA ASN A 208 -9.80 -11.31 5.08
C ASN A 208 -9.39 -12.20 6.26
N ALA A 209 -9.10 -13.47 6.00
CA ALA A 209 -8.67 -14.41 7.04
C ALA A 209 -7.17 -14.63 7.04
N ASN A 210 -6.41 -13.87 6.23
CA ASN A 210 -4.97 -14.07 6.05
C ASN A 210 -4.63 -15.50 5.66
N ASP A 211 -5.56 -16.21 5.02
CA ASP A 211 -5.32 -17.61 4.65
C ASP A 211 -4.69 -17.67 3.26
N PHE A 212 -3.42 -17.28 3.21
CA PHE A 212 -2.78 -17.07 1.93
C PHE A 212 -2.46 -18.38 1.22
N GLU A 213 -2.24 -19.46 1.97
CA GLU A 213 -1.96 -20.73 1.31
C GLU A 213 -3.19 -21.27 0.60
N VAL A 214 -4.38 -21.08 1.18
CA VAL A 214 -5.60 -21.40 0.46
C VAL A 214 -5.83 -20.42 -0.68
N LEU A 215 -5.61 -19.13 -0.42
CA LEU A 215 -5.82 -18.09 -1.41
C LEU A 215 -5.01 -18.34 -2.68
N ILE A 216 -3.69 -18.58 -2.53
CA ILE A 216 -2.83 -18.73 -3.70
C ILE A 216 -3.25 -19.89 -4.59
N GLU A 217 -3.98 -20.86 -4.05
CA GLU A 217 -4.42 -21.98 -4.88
C GLU A 217 -5.56 -21.58 -5.81
N LEU A 218 -6.20 -20.44 -5.59
CA LEU A 218 -7.20 -19.92 -6.52
C LEU A 218 -6.58 -19.40 -7.81
N PHE A 219 -5.26 -19.19 -7.85
CA PHE A 219 -4.60 -18.59 -9.00
C PHE A 219 -4.13 -19.66 -9.97
N THR A 220 -4.02 -19.28 -11.25
CA THR A 220 -3.31 -20.13 -12.18
C THR A 220 -1.83 -20.11 -11.86
N PRO A 221 -1.09 -21.14 -12.26
CA PRO A 221 0.36 -21.18 -11.96
C PRO A 221 1.09 -19.93 -12.43
N ASP A 222 0.68 -19.40 -13.58
CA ASP A 222 1.24 -18.18 -14.13
C ASP A 222 0.38 -16.96 -13.82
N GLY A 223 -0.48 -17.05 -12.81
CA GLY A 223 -1.39 -15.96 -12.52
C GLY A 223 -0.67 -14.75 -11.98
N ALA A 224 -1.27 -13.59 -12.20
CA ALA A 224 -0.63 -12.33 -11.86
C ALA A 224 -1.61 -11.45 -11.09
N LEU A 225 -1.05 -10.65 -10.17
CA LEU A 225 -1.80 -9.69 -9.39
C LEU A 225 -1.14 -8.33 -9.57
N GLN A 226 -1.95 -7.30 -9.82
CA GLN A 226 -1.47 -5.94 -10.03
C GLN A 226 -1.96 -5.01 -8.93
N PRO A 227 -1.10 -4.63 -7.98
CA PRO A 227 -1.51 -3.65 -6.96
C PRO A 227 -1.75 -2.29 -7.58
N PRO A 228 -2.39 -1.37 -6.83
CA PRO A 228 -2.67 -0.04 -7.37
C PRO A 228 -1.40 0.67 -7.81
N PHE A 229 -1.41 1.16 -9.06
CA PHE A 229 -0.30 1.93 -9.63
C PHE A 229 1.03 1.17 -9.62
N GLN A 230 0.98 -0.16 -9.68
CA GLN A 230 2.18 -1.00 -9.72
C GLN A 230 2.14 -1.89 -10.96
N LYS A 231 3.29 -2.45 -11.30
CA LYS A 231 3.37 -3.47 -12.33
C LYS A 231 2.79 -4.79 -11.79
N PRO A 232 2.31 -5.66 -12.68
CA PRO A 232 1.81 -6.96 -12.22
C PRO A 232 2.91 -7.77 -11.52
N ILE A 233 2.51 -8.46 -10.46
CA ILE A 233 3.35 -9.44 -9.77
C ILE A 233 2.97 -10.81 -10.33
N VAL A 234 3.94 -11.55 -10.86
CA VAL A 234 3.64 -12.64 -11.80
C VAL A 234 4.10 -13.97 -11.21
N GLY A 235 3.19 -14.93 -11.13
CA GLY A 235 3.49 -16.27 -10.67
C GLY A 235 3.12 -16.47 -9.21
N LYS A 236 2.77 -17.71 -8.88
CA LYS A 236 2.31 -18.02 -7.52
C LYS A 236 3.34 -17.64 -6.47
N ASP A 237 4.62 -17.92 -6.73
CA ASP A 237 5.65 -17.69 -5.72
C ASP A 237 5.73 -16.22 -5.36
N ALA A 238 5.78 -15.36 -6.38
CA ALA A 238 5.90 -13.93 -6.14
C ALA A 238 4.64 -13.36 -5.52
N VAL A 239 3.47 -13.79 -6.00
CA VAL A 239 2.21 -13.30 -5.46
C VAL A 239 2.05 -13.73 -4.00
N LEU A 240 2.32 -15.02 -3.71
CA LEU A 240 2.28 -15.47 -2.32
C LEU A 240 3.27 -14.71 -1.46
N ARG A 241 4.47 -14.46 -1.98
CA ARG A 241 5.45 -13.66 -1.24
C ARG A 241 4.89 -12.29 -0.91
N PHE A 242 4.24 -11.65 -1.89
CA PHE A 242 3.63 -10.35 -1.68
C PHE A 242 2.51 -10.41 -0.65
N PHE A 243 1.69 -11.46 -0.68
CA PHE A 243 0.63 -11.61 0.32
C PHE A 243 1.21 -11.62 1.73
N ARG A 244 2.22 -12.47 1.95
CA ARG A 244 2.73 -12.67 3.31
C ARG A 244 3.49 -11.45 3.81
N GLU A 245 4.16 -10.71 2.92
CA GLU A 245 4.98 -9.58 3.32
C GLU A 245 4.16 -8.33 3.62
N GLU A 246 3.03 -8.14 2.93
CA GLU A 246 2.38 -6.84 2.89
C GLU A 246 0.88 -6.85 3.13
N CYS A 247 0.22 -8.02 3.06
CA CYS A 247 -1.23 -8.04 2.89
C CYS A 247 -1.97 -8.59 4.11
N GLN A 248 -1.33 -8.58 5.27
CA GLN A 248 -1.96 -9.12 6.47
C GLN A 248 -2.91 -8.11 7.09
N ASN A 249 -4.05 -8.61 7.56
CA ASN A 249 -5.01 -7.85 8.36
C ASN A 249 -5.65 -6.70 7.58
N LEU A 250 -5.74 -6.84 6.27
CA LEU A 250 -6.62 -5.97 5.50
C LEU A 250 -8.07 -6.36 5.77
N LYS A 251 -8.96 -5.39 5.59
CA LYS A 251 -10.40 -5.66 5.57
C LYS A 251 -10.89 -5.31 4.17
N LEU A 252 -11.29 -6.33 3.44
CA LEU A 252 -11.88 -6.16 2.11
C LEU A 252 -13.40 -6.16 2.26
N ILE A 253 -14.04 -5.06 1.86
CA ILE A 253 -15.48 -4.92 2.00
C ILE A 253 -16.07 -4.67 0.61
N PRO A 254 -16.15 -5.68 -0.23
CA PRO A 254 -16.75 -5.50 -1.56
C PRO A 254 -18.23 -5.24 -1.43
N GLU A 255 -18.77 -4.55 -2.44
CA GLU A 255 -20.14 -4.07 -2.43
C GLU A 255 -20.96 -4.64 -3.58
N ARG A 256 -20.42 -4.67 -4.78
CA ARG A 256 -21.19 -5.04 -5.96
C ARG A 256 -20.24 -5.37 -7.09
N GLY A 257 -20.77 -6.04 -8.11
CA GLY A 257 -19.92 -6.41 -9.23
C GLY A 257 -20.72 -6.84 -10.44
N VAL A 258 -20.01 -7.03 -11.54
CA VAL A 258 -20.62 -7.46 -12.80
C VAL A 258 -19.73 -8.53 -13.41
N THR A 259 -20.34 -9.41 -14.21
CA THR A 259 -19.66 -10.48 -14.91
C THR A 259 -19.87 -10.33 -16.40
N GLU A 260 -18.81 -10.48 -17.17
CA GLU A 260 -18.85 -10.35 -18.63
C GLU A 260 -18.14 -11.55 -19.25
N PRO A 261 -18.74 -12.19 -20.26
CA PRO A 261 -18.00 -13.18 -21.04
C PRO A 261 -16.73 -12.59 -21.63
N ALA A 262 -15.71 -13.45 -21.79
CA ALA A 262 -14.48 -13.06 -22.44
C ALA A 262 -14.08 -14.13 -23.45
N ASP A 263 -13.17 -13.76 -24.33
CA ASP A 263 -12.77 -14.65 -25.42
C ASP A 263 -12.11 -15.91 -24.89
N GLY A 264 -12.36 -17.02 -25.59
CA GLY A 264 -11.67 -18.26 -25.27
C GLY A 264 -12.15 -18.96 -24.02
N GLY A 265 -13.39 -18.73 -23.62
CA GLY A 265 -13.90 -19.32 -22.40
C GLY A 265 -13.46 -18.64 -21.12
N TYR A 266 -12.81 -17.49 -21.22
CA TYR A 266 -12.44 -16.71 -20.06
C TYR A 266 -13.64 -15.93 -19.55
N THR A 267 -13.54 -15.43 -18.31
CA THR A 267 -14.61 -14.64 -17.72
C THR A 267 -13.99 -13.45 -17.00
N GLN A 268 -14.49 -12.25 -17.30
CA GLN A 268 -13.98 -11.05 -16.65
C GLN A 268 -15.03 -10.50 -15.70
N ILE A 269 -14.59 -10.15 -14.49
CA ILE A 269 -15.46 -9.72 -13.41
C ILE A 269 -14.88 -8.43 -12.86
N LYS A 270 -15.75 -7.44 -12.62
CA LYS A 270 -15.41 -6.21 -11.93
C LYS A 270 -16.18 -6.15 -10.62
N VAL A 271 -15.48 -5.85 -9.53
CA VAL A 271 -16.10 -5.70 -8.22
C VAL A 271 -15.64 -4.36 -7.66
N THR A 272 -16.56 -3.62 -7.04
CA THR A 272 -16.21 -2.37 -6.38
C THR A 272 -16.55 -2.46 -4.91
N GLY A 273 -15.84 -1.67 -4.11
CA GLY A 273 -16.12 -1.65 -2.68
C GLY A 273 -15.06 -0.87 -1.96
N LYS A 274 -14.87 -1.19 -0.69
N LYS A 274 -14.88 -1.19 -0.68
CA LYS A 274 -13.98 -0.45 0.18
CA LYS A 274 -13.99 -0.46 0.20
C LYS A 274 -12.98 -1.39 0.84
C LYS A 274 -12.97 -1.40 0.82
N VAL A 275 -11.77 -0.87 1.09
CA VAL A 275 -10.72 -1.62 1.76
C VAL A 275 -10.18 -0.77 2.90
N GLN A 276 -9.92 -1.42 4.03
CA GLN A 276 -9.27 -0.80 5.16
C GLN A 276 -7.93 -1.47 5.41
N THR A 277 -6.92 -0.65 5.69
CA THR A 277 -5.60 -1.15 6.04
C THR A 277 -5.38 -1.12 7.55
N PRO A 278 -4.70 -2.10 8.12
CA PRO A 278 -4.50 -2.12 9.57
C PRO A 278 -3.74 -0.90 10.08
N TRP A 279 -3.05 -0.17 9.19
CA TRP A 279 -2.33 1.02 9.60
C TRP A 279 -3.28 2.13 10.04
N PHE A 280 -4.51 2.14 9.55
CA PHE A 280 -5.48 3.15 9.95
C PHE A 280 -6.82 2.58 10.40
N GLY A 281 -7.05 1.28 10.27
CA GLY A 281 -8.29 0.69 10.73
C GLY A 281 -9.47 1.29 10.01
N ALA A 282 -10.57 1.44 10.75
CA ALA A 282 -11.79 1.97 10.16
C ALA A 282 -11.72 3.47 9.91
N GLY A 283 -10.65 4.13 10.32
CA GLY A 283 -10.55 5.57 10.12
C GLY A 283 -10.43 5.99 8.67
N VAL A 284 -9.95 5.09 7.81
CA VAL A 284 -9.77 5.38 6.39
C VAL A 284 -10.36 4.22 5.59
N GLY A 285 -11.38 4.51 4.79
CA GLY A 285 -11.89 3.54 3.85
C GLY A 285 -11.52 3.94 2.43
N MET A 286 -10.68 3.14 1.76
CA MET A 286 -10.30 3.45 0.39
C MET A 286 -11.27 2.79 -0.57
N ASN A 287 -11.72 3.57 -1.55
CA ASN A 287 -12.63 3.08 -2.59
C ASN A 287 -11.81 2.32 -3.62
N MET A 288 -12.17 1.06 -3.86
N MET A 288 -12.14 1.05 -3.85
CA MET A 288 -11.36 0.16 -4.67
CA MET A 288 -11.33 0.20 -4.71
C MET A 288 -12.21 -0.51 -5.74
C MET A 288 -12.19 -0.53 -5.73
N ALA A 289 -11.53 -1.00 -6.78
CA ALA A 289 -12.13 -1.92 -7.74
C ALA A 289 -11.18 -3.11 -7.89
N TRP A 290 -11.76 -4.30 -8.04
CA TRP A 290 -11.03 -5.52 -8.38
C TRP A 290 -11.44 -5.92 -9.79
N ARG A 291 -10.45 -6.14 -10.67
CA ARG A 291 -10.72 -6.49 -12.05
C ARG A 291 -10.10 -7.87 -12.28
N PHE A 292 -10.94 -8.90 -12.38
CA PHE A 292 -10.52 -10.29 -12.49
C PHE A 292 -10.60 -10.75 -13.94
N LEU A 293 -9.64 -11.57 -14.36
CA LEU A 293 -9.79 -12.39 -15.57
C LEU A 293 -9.64 -13.84 -15.15
N LEU A 294 -10.73 -14.61 -15.23
CA LEU A 294 -10.72 -16.00 -14.80
C LEU A 294 -10.58 -16.93 -16.01
N SER A 295 -9.77 -17.97 -15.83
CA SER A 295 -9.53 -18.96 -16.87
C SER A 295 -10.78 -19.81 -17.09
N PRO A 296 -10.79 -20.65 -18.14
CA PRO A 296 -11.90 -21.61 -18.30
C PRO A 296 -12.08 -22.55 -17.13
N GLU A 297 -11.02 -22.86 -16.39
CA GLU A 297 -11.14 -23.67 -15.19
C GLU A 297 -11.56 -22.85 -13.97
N ASN A 298 -11.92 -21.58 -14.17
CA ASN A 298 -12.39 -20.69 -13.11
C ASN A 298 -11.30 -20.40 -12.08
N LYS A 299 -10.04 -20.39 -12.52
CA LYS A 299 -8.94 -19.92 -11.71
C LYS A 299 -8.61 -18.48 -12.08
N ILE A 300 -7.96 -17.78 -11.13
CA ILE A 300 -7.57 -16.39 -11.34
C ILE A 300 -6.30 -16.36 -12.17
N PHE A 301 -6.43 -15.96 -13.45
CA PHE A 301 -5.23 -15.71 -14.25
C PHE A 301 -4.70 -14.30 -14.00
N PHE A 302 -5.58 -13.35 -13.73
CA PHE A 302 -5.15 -11.98 -13.50
C PHE A 302 -6.17 -11.29 -12.61
N VAL A 303 -5.69 -10.54 -11.62
CA VAL A 303 -6.54 -9.61 -10.90
C VAL A 303 -5.76 -8.30 -10.72
N ALA A 304 -6.40 -7.19 -11.05
CA ALA A 304 -5.87 -5.87 -10.77
C ALA A 304 -6.69 -5.24 -9.66
N ILE A 305 -6.02 -4.52 -8.76
CA ILE A 305 -6.69 -3.80 -7.68
C ILE A 305 -6.44 -2.31 -7.91
N ASP A 306 -7.51 -1.56 -8.12
CA ASP A 306 -7.43 -0.15 -8.50
C ASP A 306 -7.88 0.72 -7.33
N LEU A 307 -7.12 1.77 -7.04
CA LEU A 307 -7.59 2.84 -6.17
C LEU A 307 -8.46 3.79 -7.02
N LEU A 308 -9.74 3.90 -6.68
CA LEU A 308 -10.66 4.63 -7.54
C LEU A 308 -10.54 6.14 -7.34
N ALA A 309 -10.91 6.89 -8.39
CA ALA A 309 -10.76 8.34 -8.37
C ALA A 309 -11.66 9.00 -7.35
N SER A 310 -12.84 8.44 -7.09
CA SER A 310 -13.82 9.05 -6.20
C SER A 310 -14.88 7.99 -5.89
N PRO A 311 -15.69 8.21 -4.85
CA PRO A 311 -16.75 7.23 -4.53
C PRO A 311 -17.73 7.00 -5.66
N LYS A 312 -17.84 7.92 -6.63
CA LYS A 312 -18.78 7.73 -7.74
C LYS A 312 -18.43 6.48 -8.52
N GLU A 313 -17.14 6.12 -8.57
CA GLU A 313 -16.70 4.97 -9.33
C GLU A 313 -17.17 3.66 -8.72
N LEU A 314 -17.62 3.67 -7.45
CA LEU A 314 -18.18 2.48 -6.83
C LEU A 314 -19.43 2.02 -7.58
N LEU A 315 -20.13 2.95 -8.22
CA LEU A 315 -21.36 2.65 -8.94
C LEU A 315 -21.14 2.59 -10.46
N ASN A 316 -19.89 2.48 -10.90
CA ASN A 316 -19.57 2.43 -12.33
C ASN A 316 -19.30 0.98 -12.70
N LEU A 317 -20.33 0.30 -13.18
CA LEU A 317 -20.22 -1.07 -13.65
C LEU A 317 -20.56 -1.20 -15.12
N VAL A 318 -20.64 -0.09 -15.84
CA VAL A 318 -20.93 -0.14 -17.27
C VAL A 318 -19.66 -0.41 -18.05
N ARG A 319 -19.81 -1.03 -19.22
CA ARG A 319 -18.72 -1.23 -20.16
C ARG A 319 -18.11 0.08 -20.65
O01 45D B . 10.44 12.03 6.17
O02 45D B . -7.25 -7.49 -3.02
C03 45D B . 8.04 11.90 9.60
C04 45D B . -3.63 -5.68 -2.06
C05 45D B . 8.74 13.17 9.10
C06 45D B . -3.72 -7.20 -2.12
C07 45D B . 7.82 10.85 8.50
C08 45D B . -4.91 -5.03 -1.55
C09 45D B . 10.02 12.91 8.31
C10 45D B . -4.91 -7.72 -2.93
C11 45D B . 8.88 11.29 10.72
C12 45D B . 6.69 12.31 10.16
C13 45D B . -3.35 -5.12 -3.46
C14 45D B . -2.44 -5.30 -1.17
C15 45D B . 8.70 10.90 7.26
C16 45D B . -6.23 -5.64 -1.99
C17 45D B . 9.78 11.95 7.15
C18 45D B . -6.22 -7.00 -2.67
C19 45D B . 7.01 9.58 8.75
C20 45D B . -4.75 -3.54 -1.25
C21 45D B . 8.72 9.73 6.28
C22 45D B . -7.56 -5.11 -1.46
C23 45D B . 5.81 9.46 8.20
C24 45D B . -4.65 -3.10 -0.03
C25 45D B . 5.00 8.19 8.39
C26 45D B . -4.42 -1.60 0.12
C27 45D B . 5.04 7.43 9.72
C28 45D B . -5.16 -0.61 -0.78
C29 45D B . 4.25 7.78 7.39
C30 45D B . -3.54 -1.23 1.01
C31 45D B . 3.41 6.51 7.40
C32 45D B . -3.11 0.21 1.26
C33 45D B . 2.34 6.43 6.63
C34 45D B . -2.52 0.53 2.40
C35 45D B . 1.55 5.14 6.59
C36 45D B . -2.00 1.93 2.65
C37 45D B . 0.93 4.84 5.46
C38 45D B . -1.21 2.12 3.69
C39 45D B . 1.51 4.23 7.82
C40 45D B . -2.33 3.07 1.68
C41 45D B . 0.16 3.56 5.17
C42 45D B . -0.52 3.44 4.04
#